data_6YMC
#
_entry.id   6YMC
#
_cell.length_a   24.270
_cell.length_b   52.430
_cell.length_c   107.180
_cell.angle_alpha   90.000
_cell.angle_beta   90.000
_cell.angle_gamma   90.000
#
_symmetry.space_group_name_H-M   'P 21 21 21'
#
loop_
_entity.id
_entity.type
_entity.pdbx_description
1 polymer 'RNA (26-MER)'
2 non-polymer 'BARIUM ION'
3 water water
#
_entity_poly.entity_id   1
_entity_poly.type   'polyribonucleotide'
_entity_poly.pdbx_seq_one_letter_code
;UCUCUGGUUAGGAAACUAACUAGGGA
;
_entity_poly.pdbx_strand_id   A,B
#
loop_
_chem_comp.id
_chem_comp.type
_chem_comp.name
_chem_comp.formula
A RNA linking ADENOSINE-5'-MONOPHOSPHATE 'C10 H14 N5 O7 P'
BA non-polymer 'BARIUM ION' 'Ba 2'
C RNA linking CYTIDINE-5'-MONOPHOSPHATE 'C9 H14 N3 O8 P'
G RNA linking GUANOSINE-5'-MONOPHOSPHATE 'C10 H14 N5 O8 P'
U RNA linking URIDINE-5'-MONOPHOSPHATE 'C9 H13 N2 O9 P'
#
# COMPACT_ATOMS: atom_id res chain seq x y z
BA BA C . -4.23 2.60 6.84
BA BA D . -6.92 2.34 5.93
BA BA E . -2.17 4.25 3.41
BA BA F . -19.27 -0.70 25.00
BA BA G . -21.12 -5.21 25.82
BA BA H . 9.51 -2.16 -7.03
BA BA I . 10.24 -2.74 -12.74
BA BA J . -0.71 -5.51 -1.60
BA BA K . 15.89 2.31 -21.74
BA BA L . 18.79 4.82 -23.89
#